data_2Q97
#
_entry.id   2Q97
#
_cell.length_a   54.523
_cell.length_b   54.523
_cell.length_c   363.100
_cell.angle_alpha   90.00
_cell.angle_beta   90.00
_cell.angle_gamma   90.00
#
_symmetry.space_group_name_H-M   'P 41 2 2'
#
loop_
_entity.id
_entity.type
_entity.pdbx_description
1 polymer 'Actin, alpha skeletal muscle'
2 polymer Toxofilin
3 non-polymer 'CALCIUM ION'
4 non-polymer "ADENOSINE-5'-TRIPHOSPHATE"
5 water water
#
loop_
_entity_poly.entity_id
_entity_poly.type
_entity_poly.pdbx_seq_one_letter_code
_entity_poly.pdbx_strand_id
1 'polypeptide(L)'
;DEDETTALVCDNGSGLVKAGFAGDDAPRAVFPSIVGRPRHQGVMVGMGQKDSYVGDEAQSKRGILTLKYPIE(HIC)GII
TNWDDMEKIWHHTFYNELRVAPEEHPTLLTEAPLNPKANREKMTQIMFETFNVPAMYVAIQAVLSLYASGRTTGIVLDSG
DGVTHNVPIYEGYALPHAIMRLDLAGRDLTDYLMKILTERGYSFVTTAEREIVRDIKEKLCYVALDFENEMATAASSSSL
EKSYELPDGQVITIGNERFRCPETLFQPSFIGMESAGIHETTYNSIMKCDIDIRKDLYANNVMSGGTTMYPGIADRMQKE
ITALAPSTMKIKIIAPPERKYSVWIGGSILASLSTFQQMWITKQEYDEAGPSIVHRKCF
;
A
2 'polypeptide(L)'
;MQQELGLLRPEERLIAGQAKAAALQTVHQLGAVALTPEQAKAALLDEILRATQNLDLRKYENLNTEQQKAYEQVQRDLSQ
LSPETKALLIENQRKEKTLLEKARKLFQRRHYHVTKQAALAGQILNEQR
;
T
#
# COMPACT_ATOMS: atom_id res chain seq x y z
N THR A 6 -17.42 4.78 19.14
CA THR A 6 -16.59 5.56 18.15
C THR A 6 -16.71 4.99 16.70
N ALA A 7 -15.93 5.53 15.77
CA ALA A 7 -15.95 5.04 14.39
C ALA A 7 -15.02 3.85 14.20
N LEU A 8 -15.50 2.89 13.42
CA LEU A 8 -14.72 1.74 13.01
C LEU A 8 -13.90 2.06 11.75
N VAL A 9 -12.73 1.42 11.63
CA VAL A 9 -11.88 1.51 10.45
C VAL A 9 -11.46 0.12 9.94
N CYS A 10 -12.02 -0.26 8.80
CA CYS A 10 -11.76 -1.56 8.23
C CYS A 10 -11.08 -1.48 6.86
N ASP A 11 -9.88 -2.07 6.79
CA ASP A 11 -9.08 -2.09 5.57
C ASP A 11 -9.09 -3.48 4.97
N ASN A 12 -9.87 -3.63 3.91
CA ASN A 12 -10.09 -4.90 3.21
C ASN A 12 -9.02 -5.14 2.18
N GLY A 13 -7.98 -5.92 2.53
CA GLY A 13 -6.93 -6.29 1.57
C GLY A 13 -7.13 -7.68 0.99
N SER A 14 -6.44 -7.98 -0.11
CA SER A 14 -6.61 -9.27 -0.79
C SER A 14 -6.08 -10.41 0.08
N GLY A 15 -5.13 -10.08 0.94
CA GLY A 15 -4.53 -11.06 1.83
C GLY A 15 -4.92 -10.88 3.30
N LEU A 16 -5.00 -9.63 3.74
CA LEU A 16 -5.17 -9.30 5.15
C LEU A 16 -6.20 -8.20 5.42
N VAL A 17 -7.10 -8.46 6.36
CA VAL A 17 -8.02 -7.43 6.86
C VAL A 17 -7.35 -6.81 8.08
N LYS A 18 -7.35 -5.47 8.14
CA LYS A 18 -6.85 -4.68 9.27
C LYS A 18 -8.01 -3.83 9.78
N ALA A 19 -8.46 -4.07 11.00
CA ALA A 19 -9.62 -3.40 11.53
C ALA A 19 -9.34 -2.88 12.90
N GLY A 20 -10.07 -1.84 13.29
CA GLY A 20 -9.88 -1.26 14.60
C GLY A 20 -10.72 -0.03 14.77
N PHE A 21 -10.32 0.78 15.73
CA PHE A 21 -11.10 1.93 16.13
C PHE A 21 -10.39 3.18 15.72
N ALA A 22 -11.17 4.08 15.12
CA ALA A 22 -10.70 5.39 14.70
C ALA A 22 -10.06 6.08 15.90
N GLY A 23 -8.90 6.68 15.67
CA GLY A 23 -8.16 7.42 16.69
C GLY A 23 -7.07 6.60 17.35
N ASP A 24 -7.21 5.26 17.28
CA ASP A 24 -6.23 4.31 17.74
C ASP A 24 -5.00 4.37 16.83
N ASP A 25 -3.84 3.98 17.34
CA ASP A 25 -2.59 4.11 16.58
C ASP A 25 -2.19 2.91 15.73
N ALA A 26 -2.99 1.86 15.79
CA ALA A 26 -2.77 0.67 15.02
C ALA A 26 -4.07 -0.11 15.06
N PRO A 27 -4.28 -1.01 14.09
CA PRO A 27 -5.46 -1.88 14.17
C PRO A 27 -5.38 -2.80 15.39
N ARG A 28 -6.50 -3.40 15.75
CA ARG A 28 -6.55 -4.33 16.88
C ARG A 28 -6.72 -5.78 16.43
N ALA A 29 -6.90 -5.95 15.13
CA ALA A 29 -7.21 -7.22 14.53
C ALA A 29 -6.67 -7.24 13.12
N VAL A 30 -5.69 -8.11 12.88
CA VAL A 30 -5.17 -8.40 11.56
C VAL A 30 -5.34 -9.90 11.36
N PHE A 31 -5.92 -10.29 10.23
CA PHE A 31 -6.24 -11.69 10.00
C PHE A 31 -6.46 -11.99 8.50
N PRO A 32 -6.12 -13.20 8.06
CA PRO A 32 -6.22 -13.53 6.63
C PRO A 32 -7.61 -13.29 6.07
N SER A 33 -7.69 -12.85 4.82
CA SER A 33 -8.98 -12.57 4.19
C SER A 33 -9.41 -13.81 3.48
N ILE A 34 -9.81 -14.81 4.27
CA ILE A 34 -10.16 -16.14 3.79
C ILE A 34 -11.46 -16.63 4.44
N VAL A 35 -12.28 -17.32 3.66
CA VAL A 35 -13.48 -17.99 4.14
C VAL A 35 -13.43 -19.48 3.81
N GLY A 36 -13.68 -20.31 4.82
CA GLY A 36 -13.63 -21.76 4.68
C GLY A 36 -14.95 -22.46 4.96
N ARG A 37 -15.43 -23.18 3.95
CA ARG A 37 -16.53 -24.13 4.10
C ARG A 37 -15.98 -25.56 3.98
N PRO A 38 -16.72 -26.56 4.47
CA PRO A 38 -16.22 -27.94 4.35
C PRO A 38 -16.62 -28.65 3.05
N ARG A 39 -15.87 -29.69 2.72
CA ARG A 39 -16.14 -30.59 1.60
C ARG A 39 -17.58 -31.10 1.56
N SER A 52 -19.11 -22.97 7.88
CA SER A 52 -18.44 -21.74 7.49
C SER A 52 -17.51 -21.15 8.58
N TYR A 53 -16.23 -21.04 8.24
CA TYR A 53 -15.20 -20.52 9.15
C TYR A 53 -14.34 -19.43 8.48
N VAL A 54 -13.84 -18.49 9.28
CA VAL A 54 -13.16 -17.29 8.77
C VAL A 54 -11.83 -17.05 9.48
N GLY A 55 -10.88 -16.48 8.75
CA GLY A 55 -9.66 -15.94 9.34
C GLY A 55 -8.67 -17.01 9.77
N ASP A 56 -8.04 -16.78 10.91
CA ASP A 56 -7.07 -17.72 11.47
C ASP A 56 -7.66 -19.11 11.63
N GLU A 57 -8.92 -19.16 12.06
CA GLU A 57 -9.63 -20.41 12.30
C GLU A 57 -9.84 -21.22 11.02
N ALA A 58 -9.77 -20.54 9.87
CA ALA A 58 -9.81 -21.22 8.58
C ALA A 58 -8.43 -21.74 8.16
N GLN A 59 -7.36 -21.05 8.58
CA GLN A 59 -5.97 -21.49 8.31
C GLN A 59 -5.71 -22.85 8.94
N SER A 60 -6.08 -22.97 10.22
CA SER A 60 -5.95 -24.21 10.98
C SER A 60 -6.62 -25.37 10.26
N LYS A 61 -7.93 -25.27 10.07
CA LYS A 61 -8.74 -26.37 9.56
C LYS A 61 -8.68 -26.54 8.03
N ARG A 62 -7.56 -26.16 7.41
CA ARG A 62 -7.44 -26.13 5.95
C ARG A 62 -7.51 -27.51 5.28
N GLY A 63 -7.12 -28.54 6.03
CA GLY A 63 -7.27 -29.92 5.56
C GLY A 63 -8.72 -30.17 5.21
N ILE A 64 -9.60 -30.00 6.19
CA ILE A 64 -11.03 -30.26 6.01
C ILE A 64 -11.73 -29.23 5.10
N LEU A 65 -11.44 -27.96 5.29
CA LEU A 65 -12.17 -26.90 4.59
C LEU A 65 -11.68 -26.61 3.17
N THR A 66 -12.62 -26.21 2.32
CA THR A 66 -12.31 -25.61 1.02
C THR A 66 -12.11 -24.11 1.24
N LEU A 67 -10.98 -23.57 0.78
CA LEU A 67 -10.68 -22.15 0.98
C LEU A 67 -10.98 -21.28 -0.23
N LYS A 68 -11.62 -20.14 0.03
CA LYS A 68 -11.81 -19.11 -1.00
C LYS A 68 -11.30 -17.76 -0.52
N TYR A 69 -10.96 -16.89 -1.46
CA TYR A 69 -10.57 -15.52 -1.18
C TYR A 69 -11.60 -14.58 -1.79
N PRO A 70 -12.35 -13.86 -0.93
CA PRO A 70 -13.39 -12.94 -1.44
C PRO A 70 -12.85 -11.75 -2.23
N ILE A 71 -11.65 -11.29 -1.87
CA ILE A 71 -11.05 -10.12 -2.50
C ILE A 71 -9.88 -10.52 -3.38
N GLU A 72 -10.03 -10.25 -4.67
CA GLU A 72 -9.07 -10.62 -5.68
C GLU A 72 -8.50 -9.36 -6.30
N GLY A 74 -7.35 -6.68 -5.04
CA GLY A 74 -7.84 -5.44 -4.43
C GLY A 74 -9.35 -5.26 -4.44
N ILE A 75 -10.01 -5.99 -5.33
CA ILE A 75 -11.41 -5.79 -5.64
C ILE A 75 -12.26 -6.98 -5.19
N ILE A 76 -13.25 -6.71 -4.35
CA ILE A 76 -14.22 -7.72 -3.88
C ILE A 76 -14.99 -8.41 -5.01
N THR A 77 -14.86 -9.72 -5.14
CA THR A 77 -15.54 -10.44 -6.22
C THR A 77 -16.51 -11.54 -5.75
N ASN A 78 -16.51 -11.86 -4.47
CA ASN A 78 -17.58 -12.69 -3.92
C ASN A 78 -18.19 -12.13 -2.64
N TRP A 79 -19.46 -11.76 -2.73
CA TRP A 79 -20.08 -10.96 -1.69
C TRP A 79 -20.51 -11.70 -0.40
N ASP A 80 -20.96 -12.95 -0.53
CA ASP A 80 -21.33 -13.75 0.65
C ASP A 80 -20.17 -13.97 1.60
N ASP A 81 -19.02 -14.32 1.03
CA ASP A 81 -17.83 -14.57 1.84
C ASP A 81 -17.37 -13.25 2.43
N MET A 82 -17.52 -12.17 1.67
CA MET A 82 -17.22 -10.84 2.18
C MET A 82 -18.13 -10.49 3.35
N GLU A 83 -19.40 -10.85 3.22
CA GLU A 83 -20.38 -10.79 4.32
C GLU A 83 -19.90 -11.57 5.58
N LYS A 84 -19.37 -12.79 5.39
CA LYS A 84 -18.77 -13.53 6.54
C LYS A 84 -17.52 -12.85 7.07
N ILE A 85 -16.71 -12.26 6.20
CA ILE A 85 -15.50 -11.55 6.63
C ILE A 85 -15.87 -10.32 7.47
N TRP A 86 -16.83 -9.53 6.99
CA TRP A 86 -17.31 -8.38 7.71
C TRP A 86 -17.98 -8.76 9.04
N HIS A 87 -18.92 -9.71 8.98
CA HIS A 87 -19.55 -10.28 10.17
C HIS A 87 -18.51 -10.71 11.22
N HIS A 88 -17.48 -11.43 10.79
CA HIS A 88 -16.41 -11.89 11.66
C HIS A 88 -15.73 -10.70 12.34
N THR A 89 -15.32 -9.76 11.51
CA THR A 89 -14.68 -8.51 11.90
C THR A 89 -15.41 -7.78 13.03
N PHE A 90 -16.72 -7.59 12.88
CA PHE A 90 -17.51 -6.86 13.86
C PHE A 90 -17.61 -7.59 15.20
N TYR A 91 -18.04 -8.85 15.12
CA TYR A 91 -18.42 -9.62 16.29
C TYR A 91 -17.27 -10.31 17.00
N ASN A 92 -16.48 -11.07 16.25
CA ASN A 92 -15.39 -11.86 16.83
C ASN A 92 -14.15 -11.04 17.10
N GLU A 93 -13.79 -10.18 16.16
CA GLU A 93 -12.53 -9.46 16.26
C GLU A 93 -12.66 -8.20 17.10
N LEU A 94 -13.68 -7.39 16.83
CA LEU A 94 -13.85 -6.09 17.47
C LEU A 94 -14.90 -6.10 18.56
N ARG A 95 -15.74 -7.13 18.55
CA ARG A 95 -16.74 -7.34 19.59
C ARG A 95 -17.64 -6.11 19.73
N VAL A 96 -18.21 -5.68 18.60
CA VAL A 96 -19.13 -4.55 18.56
C VAL A 96 -20.39 -4.88 17.76
N ALA A 97 -21.39 -4.01 17.88
CA ALA A 97 -22.53 -4.03 16.97
C ALA A 97 -22.35 -2.97 15.90
N PRO A 98 -22.55 -3.33 14.62
CA PRO A 98 -22.40 -2.39 13.52
C PRO A 98 -23.45 -1.30 13.59
N GLU A 99 -24.63 -1.64 14.11
CA GLU A 99 -25.73 -0.69 14.38
C GLU A 99 -25.26 0.60 15.07
N GLU A 100 -24.26 0.48 15.95
CA GLU A 100 -23.89 1.52 16.91
C GLU A 100 -22.65 2.32 16.53
N HIS A 101 -21.97 1.90 15.48
CA HIS A 101 -20.71 2.54 15.11
C HIS A 101 -20.72 2.93 13.65
N PRO A 102 -20.35 4.19 13.35
CA PRO A 102 -20.06 4.58 11.98
C PRO A 102 -18.87 3.78 11.43
N THR A 103 -18.87 3.48 10.12
CA THR A 103 -17.85 2.59 9.57
C THR A 103 -17.10 3.14 8.36
N LEU A 104 -15.78 3.31 8.52
CA LEU A 104 -14.90 3.63 7.41
C LEU A 104 -14.39 2.34 6.74
N LEU A 105 -14.60 2.28 5.44
CA LEU A 105 -14.16 1.15 4.64
C LEU A 105 -13.21 1.64 3.57
N THR A 106 -12.48 0.72 2.97
CA THR A 106 -11.50 1.11 1.97
C THR A 106 -11.74 0.35 0.68
N GLU A 107 -11.40 0.99 -0.43
CA GLU A 107 -11.44 0.32 -1.70
C GLU A 107 -10.12 0.54 -2.42
N ALA A 108 -9.85 -0.33 -3.39
CA ALA A 108 -8.75 -0.15 -4.32
C ALA A 108 -9.05 1.01 -5.25
N PRO A 109 -8.02 1.74 -5.72
CA PRO A 109 -8.21 2.76 -6.76
C PRO A 109 -8.87 2.14 -7.99
N LEU A 110 -9.72 2.92 -8.64
CA LEU A 110 -10.46 2.45 -9.83
C LEU A 110 -11.47 1.36 -9.49
N ASN A 111 -11.86 1.27 -8.21
CA ASN A 111 -12.96 0.39 -7.83
C ASN A 111 -14.18 0.77 -8.65
N PRO A 112 -14.76 -0.21 -9.39
CA PRO A 112 -15.93 0.16 -10.19
C PRO A 112 -17.03 0.68 -9.29
N LYS A 113 -17.93 1.49 -9.84
CA LYS A 113 -18.99 2.14 -9.07
C LYS A 113 -20.04 1.14 -8.56
N ALA A 114 -20.44 0.21 -9.43
CA ALA A 114 -21.32 -0.90 -9.02
C ALA A 114 -20.81 -1.62 -7.75
N ASN A 115 -19.48 -1.69 -7.61
CA ASN A 115 -18.80 -2.28 -6.46
C ASN A 115 -18.94 -1.43 -5.19
N ARG A 116 -18.62 -0.14 -5.25
CA ARG A 116 -18.71 0.74 -4.07
C ARG A 116 -20.15 0.89 -3.57
N GLU A 117 -21.10 0.80 -4.50
CA GLU A 117 -22.53 0.84 -4.21
C GLU A 117 -23.01 -0.43 -3.49
N LYS A 118 -22.53 -1.58 -3.95
CA LYS A 118 -22.91 -2.86 -3.36
C LYS A 118 -22.31 -2.93 -1.95
N MET A 119 -21.15 -2.30 -1.78
CA MET A 119 -20.47 -2.18 -0.50
C MET A 119 -21.37 -1.40 0.46
N THR A 120 -21.90 -0.29 -0.06
CA THR A 120 -22.73 0.64 0.68
C THR A 120 -24.04 0.02 1.09
N GLN A 121 -24.72 -0.62 0.14
CA GLN A 121 -25.95 -1.32 0.45
C GLN A 121 -25.76 -2.33 1.59
N ILE A 122 -24.87 -3.29 1.37
CA ILE A 122 -24.62 -4.34 2.36
C ILE A 122 -24.43 -3.72 3.75
N MET A 123 -23.59 -2.70 3.85
CA MET A 123 -23.39 -2.02 5.13
C MET A 123 -24.68 -1.48 5.72
N PHE A 124 -25.51 -0.83 4.90
CA PHE A 124 -26.74 -0.21 5.41
C PHE A 124 -27.91 -1.16 5.65
N GLU A 125 -28.05 -2.18 4.82
CA GLU A 125 -29.22 -3.05 4.84
C GLU A 125 -29.00 -4.42 5.48
N THR A 126 -27.78 -4.94 5.38
CA THR A 126 -27.42 -6.19 6.06
C THR A 126 -26.78 -5.92 7.41
N PHE A 127 -26.04 -4.83 7.53
CA PHE A 127 -25.39 -4.50 8.79
C PHE A 127 -26.00 -3.31 9.53
N ASN A 128 -26.88 -2.59 8.85
CA ASN A 128 -27.51 -1.36 9.39
C ASN A 128 -26.56 -0.47 10.20
N VAL A 129 -25.45 -0.09 9.59
CA VAL A 129 -24.53 0.86 10.21
C VAL A 129 -25.15 2.27 10.21
N PRO A 130 -24.93 3.04 11.29
CA PRO A 130 -25.57 4.37 11.33
C PRO A 130 -25.08 5.25 10.17
N ALA A 131 -23.77 5.24 9.96
CA ALA A 131 -23.14 6.02 8.91
C ALA A 131 -22.04 5.18 8.29
N MET A 132 -21.53 5.62 7.14
CA MET A 132 -20.42 4.93 6.47
C MET A 132 -19.66 5.84 5.50
N TYR A 133 -18.48 5.37 5.10
CA TYR A 133 -17.69 6.04 4.08
C TYR A 133 -16.79 5.01 3.40
N VAL A 134 -16.50 5.27 2.13
CA VAL A 134 -15.58 4.45 1.38
C VAL A 134 -14.46 5.35 0.91
N ALA A 135 -13.26 5.13 1.43
CA ALA A 135 -12.10 5.94 1.06
C ALA A 135 -11.09 5.13 0.25
N ILE A 136 -10.34 5.84 -0.59
CA ILE A 136 -9.27 5.23 -1.38
C ILE A 136 -7.99 4.94 -0.56
N GLN A 137 -7.64 3.67 -0.52
CA GLN A 137 -6.43 3.18 0.17
C GLN A 137 -5.21 4.03 -0.02
N ALA A 138 -4.87 4.32 -1.27
CA ALA A 138 -3.64 5.06 -1.53
C ALA A 138 -3.74 6.46 -0.97
N VAL A 139 -4.93 7.03 -1.00
CA VAL A 139 -5.15 8.38 -0.47
C VAL A 139 -4.94 8.37 1.06
N LEU A 140 -5.44 7.35 1.74
CA LEU A 140 -5.23 7.25 3.19
C LEU A 140 -3.72 7.16 3.54
N SER A 141 -2.95 6.44 2.72
CA SER A 141 -1.50 6.32 2.98
C SER A 141 -0.77 7.64 2.85
N LEU A 142 -1.17 8.42 1.88
CA LEU A 142 -0.58 9.73 1.64
C LEU A 142 -0.87 10.66 2.80
N TYR A 143 -2.14 10.76 3.20
CA TYR A 143 -2.50 11.56 4.37
C TYR A 143 -1.68 11.08 5.57
N ALA A 144 -1.51 9.76 5.72
CA ALA A 144 -0.73 9.24 6.84
C ALA A 144 0.73 9.67 6.83
N SER A 145 1.28 9.96 5.65
CA SER A 145 2.64 10.47 5.56
C SER A 145 2.66 11.98 5.81
N GLY A 146 1.50 12.56 6.06
CA GLY A 146 1.40 13.99 6.30
C GLY A 146 1.50 14.82 5.04
N ARG A 147 0.71 14.46 4.02
CA ARG A 147 0.73 15.14 2.73
C ARG A 147 -0.65 15.05 2.10
N THR A 148 -0.94 15.96 1.18
CA THR A 148 -2.17 15.87 0.41
C THR A 148 -1.84 15.89 -1.07
N THR A 149 -0.57 16.06 -1.39
CA THR A 149 -0.08 15.91 -2.76
C THR A 149 1.15 14.99 -2.81
N GLY A 150 1.17 14.08 -3.78
CA GLY A 150 2.32 13.22 -4.08
C GLY A 150 1.85 12.04 -4.94
N ILE A 151 2.73 11.07 -5.19
CA ILE A 151 2.32 9.83 -5.86
C ILE A 151 2.65 8.64 -4.95
N VAL A 152 1.64 7.81 -4.71
CA VAL A 152 1.81 6.64 -3.89
C VAL A 152 2.07 5.38 -4.69
N LEU A 153 3.02 4.57 -4.24
CA LEU A 153 3.17 3.22 -4.76
C LEU A 153 2.63 2.25 -3.72
N ASP A 154 1.45 1.68 -3.96
CA ASP A 154 0.85 0.79 -2.98
C ASP A 154 0.95 -0.61 -3.51
N SER A 155 1.52 -1.50 -2.69
CA SER A 155 1.75 -2.88 -3.09
C SER A 155 1.46 -3.80 -1.91
N GLY A 156 0.46 -4.68 -2.07
CA GLY A 156 0.02 -5.54 -0.99
C GLY A 156 0.29 -6.99 -1.29
N ASP A 157 -0.74 -7.82 -1.22
CA ASP A 157 -0.62 -9.23 -1.44
C ASP A 157 -1.17 -9.60 -2.81
N GLY A 158 -2.16 -8.85 -3.29
CA GLY A 158 -2.79 -9.14 -4.58
C GLY A 158 -2.59 -8.14 -5.71
N VAL A 159 -2.31 -6.86 -5.41
CA VAL A 159 -2.18 -5.84 -6.47
C VAL A 159 -1.17 -4.73 -6.14
N THR A 160 -0.58 -4.16 -7.19
CA THR A 160 0.26 -2.95 -7.05
C THR A 160 -0.35 -1.79 -7.87
N HIS A 161 -0.38 -0.61 -7.27
CA HIS A 161 -0.93 0.58 -7.92
C HIS A 161 0.03 1.75 -7.83
N ASN A 162 0.12 2.56 -8.88
CA ASN A 162 0.79 3.88 -8.76
C ASN A 162 -0.34 4.89 -8.76
N VAL A 163 -0.50 5.61 -7.66
CA VAL A 163 -1.62 6.57 -7.55
C VAL A 163 -1.16 8.01 -7.38
N PRO A 164 -1.23 8.78 -8.48
CA PRO A 164 -0.91 10.18 -8.42
C PRO A 164 -2.04 10.96 -7.76
N ILE A 165 -1.68 11.83 -6.83
CA ILE A 165 -2.66 12.53 -6.01
C ILE A 165 -2.28 13.99 -5.92
N TYR A 166 -3.23 14.85 -6.26
CA TYR A 166 -3.00 16.27 -6.16
C TYR A 166 -4.07 16.86 -5.26
N GLU A 167 -3.64 17.53 -4.20
CA GLU A 167 -4.58 18.14 -3.23
C GLU A 167 -5.73 17.24 -2.90
N GLY A 168 -5.44 15.99 -2.53
CA GLY A 168 -6.44 15.10 -1.97
C GLY A 168 -7.26 14.37 -3.00
N TYR A 169 -6.92 14.57 -4.28
CA TYR A 169 -7.69 14.02 -5.38
C TYR A 169 -6.87 13.02 -6.19
N ALA A 170 -7.31 11.76 -6.20
CA ALA A 170 -6.61 10.73 -6.93
C ALA A 170 -6.98 10.85 -8.41
N LEU A 171 -5.98 11.06 -9.27
CA LEU A 171 -6.22 11.35 -10.72
C LEU A 171 -6.51 10.04 -11.46
N PRO A 172 -7.81 9.72 -11.63
CA PRO A 172 -8.24 8.38 -12.06
C PRO A 172 -7.57 7.94 -13.34
N HIS A 173 -7.34 8.87 -14.27
CA HIS A 173 -6.76 8.50 -15.56
C HIS A 173 -5.23 8.33 -15.56
N ALA A 174 -4.57 8.71 -14.47
CA ALA A 174 -3.12 8.58 -14.38
C ALA A 174 -2.70 7.36 -13.54
N ILE A 175 -3.72 6.65 -13.07
CA ILE A 175 -3.53 5.53 -12.18
C ILE A 175 -3.10 4.28 -12.94
N MET A 176 -2.02 3.68 -12.44
CA MET A 176 -1.40 2.55 -13.09
C MET A 176 -1.67 1.33 -12.20
N ARG A 177 -2.18 0.25 -12.78
CA ARG A 177 -2.40 -0.98 -12.01
C ARG A 177 -1.49 -2.12 -12.49
N LEU A 178 -0.98 -2.88 -11.54
CA LEU A 178 -0.16 -4.06 -11.84
C LEU A 178 -0.61 -5.21 -10.94
N ASP A 179 -1.01 -6.31 -11.56
CA ASP A 179 -1.50 -7.51 -10.87
C ASP A 179 -0.37 -8.43 -10.40
N LEU A 180 0.64 -7.84 -9.76
CA LEU A 180 1.84 -8.54 -9.36
C LEU A 180 2.19 -8.02 -7.98
N ALA A 181 2.01 -8.85 -6.96
CA ALA A 181 2.23 -8.41 -5.58
C ALA A 181 2.75 -9.52 -4.65
N GLY A 182 2.51 -9.37 -3.34
CA GLY A 182 3.04 -10.24 -2.32
C GLY A 182 2.94 -11.74 -2.58
N ARG A 183 1.75 -12.20 -2.97
CA ARG A 183 1.50 -13.60 -3.22
C ARG A 183 2.29 -14.17 -4.36
N ASP A 184 2.51 -13.36 -5.40
CA ASP A 184 3.25 -13.84 -6.57
C ASP A 184 4.72 -13.99 -6.25
N LEU A 185 5.19 -13.12 -5.36
CA LEU A 185 6.57 -13.14 -4.92
C LEU A 185 6.83 -14.35 -4.07
N THR A 186 5.88 -14.69 -3.21
CA THR A 186 5.93 -15.89 -2.39
C THR A 186 6.00 -17.15 -3.25
N ASP A 187 5.11 -17.20 -4.24
CA ASP A 187 5.02 -18.29 -5.21
C ASP A 187 6.29 -18.41 -6.03
N TYR A 188 6.90 -17.26 -6.34
CA TYR A 188 8.14 -17.27 -7.10
C TYR A 188 9.30 -17.78 -6.24
N LEU A 189 9.31 -17.41 -4.97
CA LEU A 189 10.34 -17.91 -4.06
C LEU A 189 10.17 -19.40 -3.89
N MET A 190 8.94 -19.85 -3.64
CA MET A 190 8.62 -21.26 -3.57
C MET A 190 9.29 -22.00 -4.74
N LYS A 191 9.06 -21.52 -5.95
CA LYS A 191 9.60 -22.08 -7.18
C LYS A 191 11.12 -22.11 -7.23
N ILE A 192 11.77 -21.02 -6.86
CA ILE A 192 13.25 -20.98 -6.95
C ILE A 192 13.95 -21.69 -5.80
N LEU A 193 13.26 -21.78 -4.67
CA LEU A 193 13.70 -22.62 -3.59
C LEU A 193 13.51 -24.11 -3.92
N THR A 194 12.45 -24.41 -4.67
CA THR A 194 12.24 -25.75 -5.17
C THR A 194 13.35 -26.09 -6.17
N GLU A 195 13.59 -25.23 -7.15
CA GLU A 195 14.68 -25.43 -8.12
C GLU A 195 16.01 -25.75 -7.44
N ARG A 196 16.22 -25.21 -6.25
CA ARG A 196 17.45 -25.42 -5.48
C ARG A 196 17.59 -26.84 -4.86
N GLY A 197 16.46 -27.53 -4.71
CA GLY A 197 16.43 -28.83 -4.06
C GLY A 197 15.36 -29.07 -3.01
N TYR A 198 14.87 -28.01 -2.38
CA TYR A 198 13.82 -28.16 -1.37
C TYR A 198 12.49 -28.46 -2.05
N SER A 199 11.42 -28.62 -1.30
CA SER A 199 10.13 -28.90 -1.93
C SER A 199 8.96 -28.14 -1.30
N PHE A 200 8.57 -27.06 -1.97
CA PHE A 200 7.47 -26.20 -1.54
C PHE A 200 6.48 -26.05 -2.72
N VAL A 201 5.38 -26.78 -2.63
CA VAL A 201 4.43 -26.86 -3.74
C VAL A 201 2.98 -26.62 -3.33
N THR A 202 2.67 -26.87 -2.04
CA THR A 202 1.31 -26.69 -1.51
C THR A 202 1.09 -25.37 -0.76
N THR A 203 -0.18 -25.12 -0.42
CA THR A 203 -0.57 -23.96 0.37
C THR A 203 -0.10 -24.06 1.83
N ALA A 204 -0.03 -25.28 2.36
CA ALA A 204 0.51 -25.48 3.71
C ALA A 204 2.03 -25.30 3.68
N GLU A 205 2.55 -25.04 2.48
CA GLU A 205 3.95 -24.73 2.29
C GLU A 205 4.05 -23.29 1.80
N ARG A 206 2.93 -22.77 1.27
CA ARG A 206 2.84 -21.37 0.85
C ARG A 206 3.12 -20.47 2.03
N GLU A 207 2.40 -20.73 3.13
CA GLU A 207 2.48 -19.90 4.33
C GLU A 207 3.82 -20.03 5.03
N ILE A 208 4.55 -21.10 4.75
CA ILE A 208 5.90 -21.27 5.29
C ILE A 208 6.90 -20.39 4.55
N VAL A 209 6.87 -20.46 3.23
CA VAL A 209 7.76 -19.65 2.38
C VAL A 209 7.52 -18.12 2.51
N ARG A 210 6.26 -17.72 2.72
CA ARG A 210 5.91 -16.31 2.96
C ARG A 210 6.67 -15.75 4.16
N ASP A 211 6.85 -16.59 5.15
CA ASP A 211 7.56 -16.24 6.37
C ASP A 211 9.07 -16.10 6.09
N ILE A 212 9.60 -16.95 5.22
CA ILE A 212 11.01 -16.84 4.83
C ILE A 212 11.24 -15.49 4.10
N LYS A 213 10.31 -15.17 3.22
CA LYS A 213 10.34 -13.99 2.38
C LYS A 213 10.38 -12.75 3.25
N GLU A 214 9.54 -12.72 4.28
CA GLU A 214 9.49 -11.57 5.17
C GLU A 214 10.67 -11.50 6.12
N LYS A 215 11.27 -12.66 6.39
CA LYS A 215 12.42 -12.71 7.30
C LYS A 215 13.76 -12.35 6.62
N LEU A 216 13.90 -12.64 5.33
CA LEU A 216 15.25 -12.63 4.73
C LEU A 216 15.44 -12.03 3.33
N CYS A 217 14.36 -11.79 2.60
CA CYS A 217 14.51 -11.23 1.28
C CYS A 217 14.89 -9.76 1.39
N TYR A 218 15.53 -9.25 0.35
CA TYR A 218 15.78 -7.82 0.23
C TYR A 218 15.88 -7.48 -1.25
N VAL A 219 16.07 -6.19 -1.55
CA VAL A 219 16.15 -5.73 -2.92
C VAL A 219 17.57 -5.25 -3.23
N ALA A 220 18.12 -5.77 -4.33
CA ALA A 220 19.42 -5.35 -4.82
C ALA A 220 19.36 -3.98 -5.47
N LEU A 221 20.43 -3.19 -5.27
CA LEU A 221 20.53 -1.87 -5.87
C LEU A 221 20.78 -1.97 -7.37
N ASP A 222 21.73 -2.81 -7.74
CA ASP A 222 21.96 -3.16 -9.14
C ASP A 222 21.91 -4.69 -9.16
N PHE A 223 21.11 -5.27 -10.05
CA PHE A 223 20.86 -6.69 -10.01
C PHE A 223 22.03 -7.52 -10.51
N GLU A 224 22.42 -7.29 -11.77
CA GLU A 224 23.62 -7.88 -12.36
C GLU A 224 24.77 -7.87 -11.36
N ASN A 225 25.07 -6.69 -10.86
CA ASN A 225 26.10 -6.52 -9.86
C ASN A 225 25.97 -7.38 -8.61
N GLU A 226 24.74 -7.59 -8.14
CA GLU A 226 24.54 -8.36 -6.90
C GLU A 226 24.63 -9.86 -7.19
N MET A 227 24.30 -10.25 -8.41
CA MET A 227 24.45 -11.64 -8.82
C MET A 227 25.93 -11.99 -8.92
N ALA A 228 26.67 -11.11 -9.59
CA ALA A 228 28.11 -11.24 -9.78
C ALA A 228 28.92 -11.10 -8.48
N THR A 229 28.32 -10.54 -7.43
CA THR A 229 29.14 -10.18 -6.28
C THR A 229 28.67 -10.65 -4.92
N ALA A 230 27.38 -10.97 -4.78
CA ALA A 230 26.82 -11.33 -3.48
C ALA A 230 27.48 -12.54 -2.85
N ALA A 231 27.95 -13.46 -3.68
CA ALA A 231 28.51 -14.74 -3.24
C ALA A 231 29.80 -14.60 -2.42
N SER A 232 30.30 -13.37 -2.30
CA SER A 232 31.51 -13.10 -1.51
C SER A 232 31.20 -12.93 -0.03
N SER A 233 29.96 -12.62 0.29
CA SER A 233 29.57 -12.42 1.68
C SER A 233 29.23 -13.76 2.32
N SER A 234 29.95 -14.10 3.39
CA SER A 234 29.66 -15.30 4.17
C SER A 234 28.31 -15.16 4.87
N SER A 235 27.67 -14.01 4.63
CA SER A 235 26.39 -13.69 5.23
C SER A 235 25.27 -13.83 4.22
N LEU A 236 25.63 -14.03 2.95
CA LEU A 236 24.63 -14.20 1.89
C LEU A 236 23.75 -15.41 2.13
N GLU A 237 24.39 -16.53 2.44
CA GLU A 237 23.66 -17.74 2.71
C GLU A 237 23.22 -17.74 4.18
N LYS A 238 21.93 -17.93 4.41
CA LYS A 238 21.38 -17.91 5.74
C LYS A 238 20.53 -19.12 5.99
N SER A 239 20.72 -19.71 7.16
CA SER A 239 19.94 -20.85 7.59
C SER A 239 18.58 -20.37 8.09
N TYR A 240 17.56 -21.19 7.89
CA TYR A 240 16.22 -20.89 8.38
C TYR A 240 15.58 -22.16 8.89
N GLU A 241 15.16 -22.13 10.15
CA GLU A 241 14.55 -23.29 10.78
C GLU A 241 13.05 -23.34 10.50
N LEU A 242 12.68 -24.30 9.65
CA LEU A 242 11.28 -24.64 9.38
C LEU A 242 10.61 -25.18 10.67
N PRO A 243 9.31 -25.54 10.60
CA PRO A 243 8.68 -26.21 11.75
C PRO A 243 9.02 -27.72 11.91
N ASP A 244 9.57 -28.35 10.86
CA ASP A 244 10.09 -29.72 10.96
C ASP A 244 11.16 -29.86 12.04
N GLY A 245 11.71 -28.72 12.48
CA GLY A 245 12.99 -28.66 13.16
C GLY A 245 14.07 -28.64 12.09
N GLN A 246 13.61 -28.62 10.84
CA GLN A 246 14.47 -28.77 9.68
C GLN A 246 15.16 -27.47 9.28
N VAL A 247 16.45 -27.56 8.98
CA VAL A 247 17.21 -26.39 8.62
C VAL A 247 17.58 -26.38 7.14
N ILE A 248 17.05 -25.38 6.43
CA ILE A 248 17.37 -25.10 5.03
C ILE A 248 18.19 -23.82 4.94
N THR A 249 18.99 -23.71 3.89
CA THR A 249 19.80 -22.51 3.66
C THR A 249 19.14 -21.70 2.53
N ILE A 250 19.38 -20.39 2.53
CA ILE A 250 18.77 -19.52 1.54
C ILE A 250 19.75 -18.41 1.15
N GLY A 251 20.13 -18.35 -0.13
CA GLY A 251 21.18 -17.44 -0.59
C GLY A 251 20.71 -16.34 -1.51
N ASN A 252 21.16 -16.37 -2.76
CA ASN A 252 20.83 -15.31 -3.72
C ASN A 252 19.34 -15.23 -4.07
N GLU A 253 18.55 -16.21 -3.63
CA GLU A 253 17.12 -16.12 -3.80
C GLU A 253 16.50 -15.09 -2.85
N ARG A 254 17.33 -14.43 -2.05
CA ARG A 254 16.84 -13.40 -1.17
C ARG A 254 16.53 -12.14 -2.00
N PHE A 255 17.39 -11.87 -2.97
CA PHE A 255 17.19 -10.73 -3.82
C PHE A 255 16.73 -11.11 -5.22
N ARG A 256 16.75 -12.39 -5.55
CA ARG A 256 16.17 -12.83 -6.81
C ARG A 256 14.64 -12.75 -6.78
N CYS A 257 14.07 -12.99 -5.61
CA CYS A 257 12.62 -12.96 -5.41
C CYS A 257 11.96 -11.56 -5.65
N PRO A 258 12.36 -10.53 -4.88
CA PRO A 258 11.74 -9.20 -5.05
C PRO A 258 12.13 -8.52 -6.34
N GLU A 259 13.22 -8.94 -6.96
CA GLU A 259 13.63 -8.41 -8.27
C GLU A 259 12.52 -8.50 -9.33
N THR A 260 11.63 -9.47 -9.20
CA THR A 260 10.41 -9.57 -10.03
C THR A 260 9.58 -8.28 -10.05
N LEU A 261 9.59 -7.51 -8.98
CA LEU A 261 8.87 -6.22 -9.00
C LEU A 261 9.43 -5.29 -10.07
N PHE A 262 10.73 -5.36 -10.29
CA PHE A 262 11.38 -4.49 -11.24
C PHE A 262 11.55 -5.14 -12.59
N GLN A 263 11.38 -6.47 -12.63
CA GLN A 263 11.52 -7.28 -13.84
C GLN A 263 10.44 -8.37 -13.89
N PRO A 264 9.18 -7.99 -14.16
CA PRO A 264 8.11 -8.98 -14.12
C PRO A 264 8.28 -10.20 -15.03
N SER A 265 9.20 -10.12 -15.99
CA SER A 265 9.42 -11.23 -16.92
C SER A 265 9.81 -12.51 -16.19
N PHE A 266 10.47 -12.36 -15.03
CA PHE A 266 10.82 -13.48 -14.18
C PHE A 266 9.69 -14.50 -13.99
N ILE A 267 8.45 -14.07 -14.08
CA ILE A 267 7.33 -15.00 -13.94
C ILE A 267 6.40 -14.93 -15.14
N GLY A 268 6.97 -14.68 -16.32
CA GLY A 268 6.19 -14.58 -17.56
C GLY A 268 5.12 -13.51 -17.51
N MET A 269 5.53 -12.28 -17.20
CA MET A 269 4.61 -11.16 -17.30
C MET A 269 5.25 -10.13 -18.19
N GLU A 270 4.56 -9.78 -19.27
CA GLU A 270 5.12 -8.86 -20.25
C GLU A 270 5.06 -7.42 -19.74
N SER A 271 4.34 -7.25 -18.65
CA SER A 271 4.22 -5.96 -18.00
C SER A 271 5.55 -5.30 -17.62
N ALA A 272 5.52 -3.98 -17.54
CA ALA A 272 6.68 -3.17 -17.18
C ALA A 272 6.83 -3.16 -15.64
N GLY A 273 8.02 -2.86 -15.15
CA GLY A 273 8.30 -2.94 -13.71
C GLY A 273 7.83 -1.73 -12.93
N ILE A 274 7.79 -1.85 -11.59
CA ILE A 274 7.18 -0.82 -10.74
C ILE A 274 7.79 0.57 -10.86
N HIS A 275 9.09 0.63 -11.14
CA HIS A 275 9.75 1.90 -11.43
C HIS A 275 9.29 2.54 -12.76
N GLU A 276 8.92 1.72 -13.72
CA GLU A 276 8.50 2.25 -14.98
C GLU A 276 7.05 2.65 -14.96
N THR A 277 6.24 1.89 -14.21
CA THR A 277 4.85 2.25 -14.04
C THR A 277 4.77 3.61 -13.29
N THR A 278 5.55 3.78 -12.23
CA THR A 278 5.72 5.08 -11.54
C THR A 278 5.98 6.22 -12.53
N TYR A 279 7.03 6.10 -13.34
CA TYR A 279 7.33 7.08 -14.39
C TYR A 279 6.17 7.25 -15.37
N ASN A 280 5.58 6.15 -15.82
CA ASN A 280 4.48 6.24 -16.78
C ASN A 280 3.33 7.05 -16.19
N SER A 281 3.16 6.91 -14.88
CA SER A 281 2.03 7.45 -14.16
C SER A 281 2.22 8.94 -14.02
N ILE A 282 3.44 9.31 -13.66
CA ILE A 282 3.87 10.70 -13.59
C ILE A 282 3.67 11.38 -14.94
N MET A 283 3.99 10.67 -16.03
CA MET A 283 3.92 11.21 -17.39
C MET A 283 2.50 11.33 -17.94
N LYS A 284 1.54 10.68 -17.28
CA LYS A 284 0.12 10.94 -17.55
C LYS A 284 -0.46 12.17 -16.79
N CYS A 285 0.36 12.90 -16.04
CA CYS A 285 -0.09 14.14 -15.36
C CYS A 285 0.48 15.41 -16.02
N ASP A 286 -0.18 16.54 -15.83
CA ASP A 286 0.26 17.82 -16.41
C ASP A 286 1.72 18.05 -16.02
N ILE A 287 2.52 18.38 -17.01
CA ILE A 287 3.92 18.69 -16.78
C ILE A 287 4.12 19.63 -15.58
N ASP A 288 3.15 20.49 -15.32
CA ASP A 288 3.29 21.51 -14.27
C ASP A 288 3.17 21.00 -12.82
N ILE A 289 2.54 19.86 -12.61
CA ILE A 289 2.53 19.26 -11.27
C ILE A 289 3.56 18.13 -11.07
N ARG A 290 4.31 17.81 -12.11
CA ARG A 290 5.28 16.73 -12.03
C ARG A 290 6.40 16.91 -11.00
N LYS A 291 6.97 18.11 -10.89
CA LYS A 291 7.94 18.39 -9.80
C LYS A 291 7.40 17.89 -8.45
N ASP A 292 6.12 18.16 -8.18
CA ASP A 292 5.49 17.80 -6.91
C ASP A 292 5.37 16.29 -6.71
N LEU A 293 5.21 15.56 -7.81
CA LEU A 293 5.05 14.13 -7.69
C LEU A 293 6.41 13.51 -7.49
N TYR A 294 7.40 14.04 -8.19
CA TYR A 294 8.73 13.46 -8.15
C TYR A 294 9.35 13.54 -6.78
N ALA A 295 8.91 14.52 -6.00
CA ALA A 295 9.51 14.80 -4.71
C ALA A 295 8.63 14.25 -3.61
N ASN A 296 7.51 13.66 -3.99
CA ASN A 296 6.65 13.02 -3.02
C ASN A 296 6.19 11.63 -3.45
N ASN A 297 7.17 10.75 -3.73
CA ASN A 297 6.92 9.34 -3.92
C ASN A 297 6.74 8.63 -2.62
N VAL A 298 5.51 8.28 -2.27
CA VAL A 298 5.25 7.57 -1.04
C VAL A 298 4.92 6.08 -1.27
N MET A 299 5.72 5.19 -0.68
CA MET A 299 5.46 3.75 -0.70
C MET A 299 4.59 3.30 0.48
N SER A 300 3.64 2.41 0.19
CA SER A 300 2.81 1.80 1.22
C SER A 300 2.53 0.34 0.86
N GLY A 301 2.12 -0.45 1.85
CA GLY A 301 1.75 -1.84 1.63
C GLY A 301 2.87 -2.77 2.08
N GLY A 302 2.51 -4.00 2.42
CA GLY A 302 3.47 -4.96 2.97
C GLY A 302 4.62 -5.27 2.01
N THR A 303 4.36 -5.20 0.71
CA THR A 303 5.33 -5.58 -0.29
C THR A 303 6.32 -4.45 -0.58
N THR A 304 6.22 -3.34 0.16
CA THR A 304 7.25 -2.30 0.07
C THR A 304 8.21 -2.39 1.28
N MET A 305 8.11 -3.47 2.04
CA MET A 305 8.94 -3.64 3.23
C MET A 305 10.41 -3.98 3.01
N TYR A 306 10.75 -4.50 1.82
CA TYR A 306 12.08 -4.99 1.56
C TYR A 306 13.15 -3.95 1.85
N PRO A 307 14.16 -4.31 2.65
CA PRO A 307 15.34 -3.45 2.71
C PRO A 307 15.89 -3.19 1.31
N GLY A 308 16.35 -1.96 1.07
CA GLY A 308 16.98 -1.62 -0.20
C GLY A 308 16.00 -1.12 -1.25
N ILE A 309 14.71 -1.21 -0.96
CA ILE A 309 13.71 -0.85 -1.97
C ILE A 309 13.64 0.65 -2.27
N ALA A 310 13.75 1.46 -1.21
CA ALA A 310 13.75 2.91 -1.39
C ALA A 310 14.93 3.32 -2.24
N ASP A 311 16.11 2.79 -1.94
CA ASP A 311 17.33 3.10 -2.68
C ASP A 311 17.28 2.71 -4.15
N ARG A 312 16.77 1.52 -4.42
CA ARG A 312 16.64 1.06 -5.78
C ARG A 312 15.64 1.91 -6.55
N MET A 313 14.57 2.37 -5.89
CA MET A 313 13.60 3.23 -6.59
C MET A 313 14.17 4.60 -6.90
N GLN A 314 14.87 5.18 -5.93
CA GLN A 314 15.63 6.40 -6.17
C GLN A 314 16.46 6.28 -7.44
N LYS A 315 17.33 5.26 -7.51
CA LYS A 315 18.22 5.08 -8.65
C LYS A 315 17.43 4.92 -9.94
N GLU A 316 16.39 4.10 -9.91
CA GLU A 316 15.59 3.84 -11.10
C GLU A 316 14.84 5.06 -11.60
N ILE A 317 14.20 5.78 -10.68
CA ILE A 317 13.49 7.01 -11.04
C ILE A 317 14.41 8.10 -11.57
N THR A 318 15.51 8.34 -10.85
CA THR A 318 16.57 9.25 -11.33
C THR A 318 16.96 8.91 -12.77
N ALA A 319 17.07 7.63 -13.10
CA ALA A 319 17.46 7.26 -14.46
C ALA A 319 16.42 7.63 -15.51
N LEU A 320 15.14 7.63 -15.14
CA LEU A 320 14.06 7.93 -16.10
C LEU A 320 13.69 9.41 -16.17
N ALA A 321 13.70 10.08 -15.02
CA ALA A 321 13.29 11.49 -14.91
C ALA A 321 14.25 12.47 -15.62
N PRO A 322 13.77 13.68 -15.96
CA PRO A 322 14.68 14.72 -16.44
C PRO A 322 15.94 14.93 -15.60
N SER A 323 16.94 15.56 -16.21
CA SER A 323 18.30 15.58 -15.72
C SER A 323 18.48 16.28 -14.39
N THR A 324 17.77 17.38 -14.17
CA THR A 324 18.01 18.19 -13.00
C THR A 324 16.88 18.09 -11.98
N MET A 325 15.99 17.14 -12.23
CA MET A 325 14.76 16.97 -11.47
C MET A 325 15.06 16.42 -10.08
N LYS A 326 14.36 16.95 -9.09
CA LYS A 326 14.53 16.57 -7.70
C LYS A 326 13.65 15.37 -7.44
N ILE A 327 14.30 14.24 -7.14
CA ILE A 327 13.59 13.00 -6.85
C ILE A 327 13.71 12.69 -5.37
N LYS A 328 12.65 12.14 -4.79
CA LYS A 328 12.65 11.87 -3.36
C LYS A 328 11.66 10.78 -2.99
N ILE A 329 12.18 9.62 -2.59
CA ILE A 329 11.39 8.46 -2.18
C ILE A 329 11.20 8.52 -0.68
N ILE A 330 9.95 8.42 -0.24
CA ILE A 330 9.63 8.37 1.17
C ILE A 330 9.06 7.01 1.51
N ALA A 331 9.59 6.42 2.56
CA ALA A 331 9.19 5.09 2.97
C ALA A 331 9.06 5.02 4.50
N PRO A 332 7.84 5.26 4.99
CA PRO A 332 7.62 5.30 6.44
C PRO A 332 7.71 3.89 7.06
N PRO A 333 8.37 3.79 8.22
CA PRO A 333 8.48 2.51 8.90
C PRO A 333 7.13 1.81 9.04
N GLU A 334 6.05 2.58 8.98
CA GLU A 334 4.72 2.03 9.27
C GLU A 334 3.90 1.65 8.04
N ARG A 335 4.54 1.65 6.87
CA ARG A 335 3.83 1.51 5.61
C ARG A 335 3.00 0.24 5.43
N LYS A 336 3.26 -0.76 6.27
CA LYS A 336 2.43 -1.96 6.26
C LYS A 336 1.05 -1.57 6.74
N TYR A 337 0.99 -0.48 7.48
CA TYR A 337 -0.24 -0.08 8.10
C TYR A 337 -0.68 1.34 7.74
N SER A 338 0.08 2.04 6.88
CA SER A 338 -0.25 3.46 6.58
C SER A 338 -1.69 3.69 6.07
N VAL A 339 -2.28 2.68 5.45
CA VAL A 339 -3.66 2.76 4.96
C VAL A 339 -4.66 2.80 6.10
N TRP A 340 -4.54 1.83 7.01
CA TRP A 340 -5.39 1.76 8.18
C TRP A 340 -5.20 3.02 9.03
N ILE A 341 -3.95 3.42 9.20
CA ILE A 341 -3.62 4.63 9.95
C ILE A 341 -4.33 5.84 9.33
N GLY A 342 -4.10 6.08 8.04
CA GLY A 342 -4.71 7.21 7.37
C GLY A 342 -6.22 7.21 7.50
N GLY A 343 -6.81 6.02 7.55
CA GLY A 343 -8.24 5.85 7.78
C GLY A 343 -8.67 6.25 9.19
N SER A 344 -7.77 6.04 10.15
CA SER A 344 -8.02 6.40 11.55
C SER A 344 -7.75 7.88 11.79
N ILE A 345 -6.74 8.45 11.12
CA ILE A 345 -6.57 9.93 11.14
C ILE A 345 -7.83 10.61 10.60
N LEU A 346 -8.25 10.21 9.40
CA LEU A 346 -9.37 10.84 8.71
C LEU A 346 -10.68 10.76 9.49
N ALA A 347 -11.00 9.58 10.01
CA ALA A 347 -12.27 9.40 10.70
C ALA A 347 -12.31 10.13 12.06
N SER A 348 -11.14 10.60 12.52
CA SER A 348 -11.03 11.37 13.76
C SER A 348 -11.22 12.88 13.56
N LEU A 349 -11.17 13.33 12.32
CA LEU A 349 -11.16 14.75 12.01
C LEU A 349 -12.56 15.33 12.08
N SER A 350 -12.69 16.42 12.82
CA SER A 350 -13.94 17.19 12.88
C SER A 350 -14.48 17.61 11.50
N THR A 351 -13.60 18.19 10.68
CA THR A 351 -13.98 18.68 9.36
C THR A 351 -14.47 17.54 8.51
N PHE A 352 -14.22 16.31 8.97
CA PHE A 352 -14.60 15.13 8.22
C PHE A 352 -15.98 14.65 8.58
N GLN A 353 -16.48 15.07 9.73
CA GLN A 353 -17.74 14.55 10.24
C GLN A 353 -18.95 14.80 9.34
N GLN A 354 -18.96 15.92 8.62
CA GLN A 354 -20.03 16.19 7.66
C GLN A 354 -20.03 15.25 6.43
N MET A 355 -18.94 14.49 6.26
CA MET A 355 -18.77 13.66 5.08
C MET A 355 -19.28 12.23 5.15
N TRP A 356 -19.53 11.72 6.36
CA TRP A 356 -20.19 10.44 6.55
C TRP A 356 -21.46 10.38 5.71
N ILE A 357 -21.65 9.32 4.93
CA ILE A 357 -22.95 9.04 4.34
C ILE A 357 -23.80 8.54 5.48
N THR A 358 -25.08 8.85 5.45
CA THR A 358 -25.93 8.70 6.62
C THR A 358 -27.10 7.75 6.32
N LYS A 359 -27.68 7.14 7.36
CA LYS A 359 -28.88 6.32 7.19
C LYS A 359 -29.97 7.08 6.44
N GLN A 360 -30.35 8.26 6.95
CA GLN A 360 -31.36 9.10 6.29
C GLN A 360 -31.02 9.32 4.82
N GLU A 361 -29.81 9.79 4.56
CA GLU A 361 -29.35 10.07 3.20
C GLU A 361 -29.51 8.85 2.31
N TYR A 362 -29.19 7.67 2.86
CA TYR A 362 -29.17 6.43 2.09
C TYR A 362 -30.53 6.05 1.47
N ASP A 363 -31.60 6.17 2.26
CA ASP A 363 -32.92 5.75 1.77
C ASP A 363 -33.68 6.80 0.94
N GLU A 364 -32.98 7.85 0.51
CA GLU A 364 -33.57 8.81 -0.43
C GLU A 364 -32.69 9.07 -1.66
N ALA A 365 -31.75 8.16 -1.90
CA ALA A 365 -30.87 8.21 -3.08
C ALA A 365 -30.38 6.82 -3.50
N GLY A 366 -30.80 5.80 -2.74
CA GLY A 366 -30.32 4.42 -2.94
C GLY A 366 -28.84 4.30 -2.59
N PRO A 367 -28.13 3.35 -3.23
CA PRO A 367 -26.68 3.27 -3.04
C PRO A 367 -25.92 4.33 -3.83
N SER A 368 -26.59 4.98 -4.78
CA SER A 368 -26.01 5.97 -5.69
C SER A 368 -25.38 7.22 -5.04
N ILE A 369 -25.54 7.37 -3.72
CA ILE A 369 -25.00 8.52 -3.02
C ILE A 369 -23.54 8.26 -2.57
N VAL A 370 -22.95 7.21 -3.11
CA VAL A 370 -21.54 6.90 -2.88
C VAL A 370 -20.70 7.33 -4.10
N HIS A 371 -21.35 8.02 -5.05
CA HIS A 371 -20.70 8.59 -6.23
C HIS A 371 -19.64 9.62 -5.83
N MET B 1 -14.35 61.73 -15.39
CA MET B 1 -15.18 61.67 -14.18
C MET B 1 -14.67 60.62 -13.21
N GLN B 2 -14.76 60.91 -11.91
CA GLN B 2 -14.23 60.01 -10.88
C GLN B 2 -15.27 59.59 -9.84
N GLN B 3 -16.44 60.23 -9.84
CA GLN B 3 -17.44 59.98 -8.80
C GLN B 3 -18.09 58.60 -8.89
N GLU B 4 -17.99 57.95 -10.05
CA GLU B 4 -18.39 56.54 -10.16
C GLU B 4 -17.64 55.71 -9.11
N LEU B 5 -16.43 56.17 -8.77
CA LEU B 5 -15.65 55.56 -7.70
C LEU B 5 -16.28 55.84 -6.34
N GLY B 6 -16.78 57.07 -6.15
CA GLY B 6 -17.44 57.46 -4.89
C GLY B 6 -18.66 56.62 -4.59
N LEU B 7 -19.38 56.26 -5.65
CA LEU B 7 -20.54 55.37 -5.58
C LEU B 7 -20.17 53.96 -5.09
N LEU B 8 -18.87 53.73 -4.87
CA LEU B 8 -18.36 52.44 -4.45
C LEU B 8 -17.88 52.40 -3.00
N ARG B 9 -17.81 53.56 -2.35
CA ARG B 9 -17.33 53.69 -0.95
C ARG B 9 -16.25 52.65 -0.54
N PRO B 10 -14.97 52.91 -0.89
CA PRO B 10 -13.89 52.01 -0.45
C PRO B 10 -13.74 52.00 1.07
N GLU B 11 -14.18 53.09 1.71
CA GLU B 11 -14.03 53.35 3.15
C GLU B 11 -14.86 52.42 4.03
N GLU B 12 -15.91 51.84 3.45
CA GLU B 12 -16.70 50.80 4.14
C GLU B 12 -15.76 49.74 4.74
N ARG B 13 -14.81 49.27 3.92
CA ARG B 13 -13.82 48.28 4.32
C ARG B 13 -14.48 46.95 4.65
N LEU B 14 -15.41 46.52 3.79
CA LEU B 14 -16.11 45.26 3.95
C LEU B 14 -15.21 44.02 3.73
N ILE B 15 -14.18 44.18 2.90
CA ILE B 15 -13.14 43.15 2.74
C ILE B 15 -12.28 43.11 3.99
N ALA B 16 -11.92 44.28 4.53
CA ALA B 16 -11.24 44.35 5.81
C ALA B 16 -12.03 43.54 6.81
N GLY B 17 -13.34 43.82 6.87
CA GLY B 17 -14.26 43.22 7.83
C GLY B 17 -14.33 41.72 7.73
N GLN B 18 -14.48 41.22 6.53
CA GLN B 18 -14.64 39.79 6.32
C GLN B 18 -13.32 39.03 6.56
N ALA B 19 -12.20 39.69 6.28
CA ALA B 19 -10.87 39.15 6.53
C ALA B 19 -10.60 38.91 8.02
N LYS B 20 -10.98 39.89 8.83
CA LYS B 20 -10.82 39.84 10.27
C LYS B 20 -11.74 38.80 10.89
N ALA B 21 -12.94 38.65 10.33
CA ALA B 21 -13.91 37.67 10.79
C ALA B 21 -13.50 36.23 10.44
N ALA B 22 -12.73 36.08 9.37
CA ALA B 22 -12.26 34.74 8.94
C ALA B 22 -11.06 34.27 9.75
N ALA B 23 -10.17 35.21 10.08
CA ALA B 23 -8.95 34.89 10.82
C ALA B 23 -9.25 34.29 12.19
N LEU B 24 -10.30 34.81 12.84
CA LEU B 24 -10.70 34.45 14.21
C LEU B 24 -11.40 33.10 14.32
N GLN B 25 -11.73 32.50 13.20
CA GLN B 25 -12.46 31.24 13.17
C GLN B 25 -11.56 30.07 13.57
N THR B 26 -12.14 29.01 14.10
CA THR B 26 -11.37 27.79 14.35
C THR B 26 -11.52 26.82 13.17
N VAL B 27 -10.57 25.90 13.01
CA VAL B 27 -10.52 24.99 11.84
C VAL B 27 -11.89 24.37 11.52
N HIS B 28 -12.61 23.99 12.58
CA HIS B 28 -14.01 23.62 12.47
C HIS B 28 -14.84 24.60 13.30
N GLN B 29 -15.90 25.15 12.69
CA GLN B 29 -16.81 26.07 13.40
C GLN B 29 -18.08 25.35 13.85
N LEU B 30 -18.64 25.77 14.98
CA LEU B 30 -19.89 25.17 15.45
C LEU B 30 -21.12 25.92 14.92
N GLY B 31 -22.31 25.53 15.40
CA GLY B 31 -23.58 26.14 14.93
C GLY B 31 -24.17 25.54 13.66
N ALA B 32 -23.31 24.88 12.86
CA ALA B 32 -23.70 24.11 11.66
C ALA B 32 -24.50 24.84 10.57
N VAL B 33 -23.93 25.92 10.01
CA VAL B 33 -24.52 26.58 8.83
C VAL B 33 -23.94 25.97 7.54
N ALA B 34 -24.37 24.74 7.24
CA ALA B 34 -23.88 23.88 6.12
C ALA B 34 -22.85 24.46 5.14
N LEU B 35 -21.65 23.89 5.15
CA LEU B 35 -20.61 24.31 4.24
C LEU B 35 -20.83 23.74 2.85
N THR B 36 -20.58 24.55 1.83
CA THR B 36 -20.59 24.07 0.45
C THR B 36 -19.41 23.11 0.27
N PRO B 37 -19.54 22.13 -0.64
CA PRO B 37 -18.50 21.10 -0.75
C PRO B 37 -17.07 21.63 -0.79
N GLU B 38 -16.86 22.75 -1.49
CA GLU B 38 -15.51 23.29 -1.71
C GLU B 38 -14.87 23.82 -0.42
N GLN B 39 -15.71 24.41 0.43
CA GLN B 39 -15.27 24.96 1.70
C GLN B 39 -14.87 23.81 2.58
N ALA B 40 -15.74 22.79 2.57
CA ALA B 40 -15.58 21.59 3.35
C ALA B 40 -14.27 20.88 3.00
N LYS B 41 -14.01 20.70 1.70
CA LYS B 41 -12.74 20.13 1.19
C LYS B 41 -11.55 20.93 1.63
N ALA B 42 -11.60 22.24 1.45
CA ALA B 42 -10.47 23.07 1.76
C ALA B 42 -10.17 23.04 3.27
N ALA B 43 -11.22 22.98 4.09
CA ALA B 43 -11.03 22.82 5.53
C ALA B 43 -10.38 21.48 5.87
N LEU B 44 -10.93 20.42 5.28
CA LEU B 44 -10.41 19.07 5.45
C LEU B 44 -8.91 18.98 5.18
N LEU B 45 -8.47 19.59 4.10
CA LEU B 45 -7.08 19.48 3.72
C LEU B 45 -6.22 20.30 4.66
N ASP B 46 -6.81 21.35 5.21
CA ASP B 46 -6.08 22.18 6.16
C ASP B 46 -5.90 21.40 7.46
N GLU B 47 -7.00 20.79 7.93
CA GLU B 47 -6.98 20.05 9.17
C GLU B 47 -6.11 18.79 9.08
N ILE B 48 -6.14 18.11 7.94
CA ILE B 48 -5.27 16.95 7.69
C ILE B 48 -3.80 17.29 7.92
N LEU B 49 -3.33 18.34 7.27
CA LEU B 49 -1.95 18.76 7.43
C LEU B 49 -1.67 19.14 8.88
N ARG B 50 -2.69 19.60 9.59
CA ARG B 50 -2.52 20.08 10.97
C ARG B 50 -2.44 18.94 12.00
N ALA B 51 -3.35 17.97 11.86
CA ALA B 51 -3.44 16.82 12.75
C ALA B 51 -2.31 15.83 12.45
N THR B 52 -1.35 16.31 11.66
CA THR B 52 -0.29 15.48 11.13
C THR B 52 1.09 16.08 11.39
N GLN B 53 1.17 17.41 11.43
CA GLN B 53 2.47 18.10 11.55
C GLN B 53 3.37 17.51 12.62
N ASN B 54 2.82 17.16 13.77
CA ASN B 54 3.66 16.74 14.90
C ASN B 54 3.50 15.30 15.34
N LEU B 55 2.60 14.57 14.69
CA LEU B 55 2.38 13.14 14.93
C LEU B 55 3.67 12.35 14.67
N ASP B 56 4.17 11.63 15.67
CA ASP B 56 5.47 10.92 15.56
C ASP B 56 5.38 9.49 15.01
N LEU B 57 4.67 8.62 15.74
CA LEU B 57 4.53 7.19 15.43
C LEU B 57 5.85 6.42 15.27
N ARG B 58 6.88 6.87 16.00
CA ARG B 58 8.18 6.18 16.06
C ARG B 58 8.14 4.84 16.81
N LYS B 59 7.00 4.51 17.41
CA LYS B 59 6.77 3.18 17.97
C LYS B 59 6.55 2.14 16.88
N TYR B 60 6.80 2.52 15.62
CA TYR B 60 6.68 1.64 14.47
C TYR B 60 8.03 1.25 13.90
N GLU B 61 9.08 1.91 14.37
CA GLU B 61 10.43 1.66 13.89
C GLU B 61 10.94 0.27 14.31
N ASN B 62 12.11 -0.11 13.79
CA ASN B 62 12.76 -1.37 14.15
C ASN B 62 11.77 -2.50 14.54
N LEU B 63 10.82 -2.73 13.65
CA LEU B 63 9.81 -3.77 13.80
C LEU B 63 10.01 -4.77 12.67
N ASN B 64 11.28 -5.05 12.36
CA ASN B 64 11.63 -5.69 11.09
C ASN B 64 13.15 -5.88 10.90
N THR B 65 13.90 -5.93 12.00
CA THR B 65 15.36 -5.81 11.96
C THR B 65 16.12 -7.09 11.54
N GLU B 66 15.56 -8.25 11.85
CA GLU B 66 16.10 -9.52 11.33
C GLU B 66 16.30 -9.39 9.82
N GLN B 67 15.23 -9.00 9.12
CA GLN B 67 15.30 -8.75 7.69
C GLN B 67 16.29 -7.63 7.38
N GLN B 68 16.21 -6.56 8.17
CA GLN B 68 17.06 -5.39 7.99
C GLN B 68 18.53 -5.64 8.34
N LYS B 69 18.80 -6.30 9.48
CA LYS B 69 20.17 -6.65 9.88
C LYS B 69 20.88 -7.53 8.86
N ALA B 70 20.21 -8.61 8.45
CA ALA B 70 20.78 -9.56 7.49
C ALA B 70 21.21 -8.86 6.21
N TYR B 71 20.41 -7.89 5.77
CA TYR B 71 20.71 -7.12 4.57
C TYR B 71 21.99 -6.32 4.75
N GLU B 72 22.06 -5.55 5.83
CA GLU B 72 23.24 -4.73 6.15
C GLU B 72 24.51 -5.58 6.25
N GLN B 73 24.42 -6.69 6.99
CA GLN B 73 25.49 -7.69 7.08
C GLN B 73 26.12 -7.90 5.72
N VAL B 74 25.28 -8.04 4.70
CA VAL B 74 25.75 -8.32 3.36
C VAL B 74 26.35 -7.08 2.72
N GLN B 75 25.61 -5.98 2.70
CA GLN B 75 26.10 -4.74 2.07
C GLN B 75 27.38 -4.20 2.72
N ARG B 76 27.55 -4.47 4.01
CA ARG B 76 28.84 -4.26 4.67
C ARG B 76 29.97 -4.94 3.87
N ASP B 77 29.90 -6.27 3.80
CA ASP B 77 30.94 -7.08 3.15
C ASP B 77 31.12 -6.79 1.66
N LEU B 78 30.05 -6.40 0.99
CA LEU B 78 30.07 -6.25 -0.47
C LEU B 78 30.68 -4.91 -0.93
N SER B 79 30.80 -3.96 -0.02
CA SER B 79 31.46 -2.70 -0.30
C SER B 79 32.97 -2.88 -0.47
N GLN B 80 33.49 -4.00 0.04
CA GLN B 80 34.92 -4.26 0.12
C GLN B 80 35.65 -4.31 -1.21
N LEU B 81 34.91 -4.55 -2.29
CA LEU B 81 35.53 -4.66 -3.61
C LEU B 81 35.97 -3.30 -4.16
N SER B 82 35.68 -3.05 -5.44
CA SER B 82 36.14 -1.86 -6.13
C SER B 82 35.61 -1.93 -7.55
N PRO B 83 35.34 -0.78 -8.19
CA PRO B 83 34.83 -0.76 -9.56
C PRO B 83 35.58 -1.70 -10.50
N GLU B 84 36.71 -2.25 -10.04
CA GLU B 84 37.51 -3.21 -10.81
C GLU B 84 37.11 -4.65 -10.54
N THR B 85 37.44 -5.17 -9.35
CA THR B 85 37.05 -6.53 -8.98
C THR B 85 35.65 -6.83 -9.52
N LYS B 86 34.70 -5.94 -9.22
CA LYS B 86 33.31 -6.16 -9.61
C LYS B 86 32.99 -5.95 -11.11
N ALA B 87 33.65 -4.99 -11.76
CA ALA B 87 33.50 -4.82 -13.20
C ALA B 87 34.02 -6.05 -13.94
N LEU B 88 35.06 -6.65 -13.39
CA LEU B 88 35.66 -7.85 -13.97
C LEU B 88 34.83 -9.07 -13.60
N LEU B 89 34.12 -8.99 -12.46
CA LEU B 89 33.18 -10.02 -12.04
C LEU B 89 31.89 -10.01 -12.87
N ILE B 90 31.42 -8.81 -13.20
CA ILE B 90 30.25 -8.62 -14.06
C ILE B 90 30.58 -9.10 -15.48
N GLU B 91 31.78 -8.78 -15.92
CA GLU B 91 32.28 -9.23 -17.21
C GLU B 91 32.49 -10.74 -17.24
N ASN B 92 32.91 -11.31 -16.11
CA ASN B 92 33.08 -12.75 -15.97
C ASN B 92 31.76 -13.50 -16.02
N GLN B 93 30.83 -13.07 -15.16
CA GLN B 93 29.47 -13.59 -15.12
C GLN B 93 28.80 -13.49 -16.49
N ARG B 94 28.98 -12.37 -17.16
CA ARG B 94 28.40 -12.17 -18.48
C ARG B 94 28.83 -13.29 -19.42
N LYS B 95 30.13 -13.54 -19.48
CA LYS B 95 30.68 -14.58 -20.34
C LYS B 95 30.20 -15.97 -19.96
N GLU B 96 30.00 -16.18 -18.65
CA GLU B 96 29.45 -17.43 -18.12
C GLU B 96 28.05 -17.71 -18.63
N LYS B 97 27.19 -16.68 -18.60
CA LYS B 97 25.80 -16.76 -19.08
C LYS B 97 25.70 -17.25 -20.51
N THR B 98 26.61 -16.79 -21.36
CA THR B 98 26.76 -17.25 -22.74
C THR B 98 27.05 -18.75 -22.80
N LEU B 99 28.08 -19.17 -22.08
CA LEU B 99 28.44 -20.58 -22.00
C LEU B 99 27.30 -21.40 -21.41
N LEU B 100 26.67 -20.83 -20.37
CA LEU B 100 25.54 -21.44 -19.70
C LEU B 100 24.35 -21.58 -20.65
N GLU B 101 24.18 -20.58 -21.52
CA GLU B 101 23.10 -20.59 -22.51
C GLU B 101 23.41 -21.58 -23.63
N LYS B 102 24.63 -21.51 -24.14
CA LYS B 102 25.13 -22.48 -25.10
C LYS B 102 25.02 -23.90 -24.52
N ALA B 103 25.12 -24.01 -23.19
CA ALA B 103 25.05 -25.30 -22.49
C ALA B 103 23.69 -26.00 -22.63
N ARG B 104 22.62 -25.35 -22.19
CA ARG B 104 21.30 -25.99 -22.25
C ARG B 104 20.69 -25.99 -23.64
N LYS B 105 21.35 -25.30 -24.58
CA LYS B 105 20.98 -25.36 -25.98
C LYS B 105 21.31 -26.75 -26.52
N LEU B 106 22.43 -27.30 -26.06
CA LEU B 106 22.85 -28.65 -26.44
C LEU B 106 22.13 -29.71 -25.61
N PHE B 107 21.80 -29.36 -24.37
CA PHE B 107 21.15 -30.25 -23.41
C PHE B 107 19.85 -30.90 -23.90
N GLN B 108 18.82 -30.08 -24.08
CA GLN B 108 17.45 -30.57 -24.32
C GLN B 108 17.15 -30.95 -25.78
N ARG B 109 18.09 -30.68 -26.68
CA ARG B 109 17.89 -31.00 -28.10
C ARG B 109 18.24 -32.48 -28.39
#